data_6MXQ
#
_entry.id   6MXQ
#
_entity_poly.entity_id   1
_entity_poly.type   'polyribonucleotide'
_entity_poly.pdbx_seq_one_letter_code
;GGCAGUAUAGUCCGAACUGCAACUUCGGUUCACCUUCUCUCUAACUGCC
;
_entity_poly.pdbx_strand_id   A
#